data_5W8A
#
_entry.id   5W8A
#
_cell.length_a   90.279
_cell.length_b   90.279
_cell.length_c   98.543
_cell.angle_alpha   90.00
_cell.angle_beta   90.00
_cell.angle_gamma   120.00
#
_symmetry.space_group_name_H-M   'P 32 2 1'
#
loop_
_entity.id
_entity.type
_entity.pdbx_description
1 polymer 'Autoinducer synthase'
2 non-polymer S-ADENOSYLMETHIONINE
3 non-polymer 'isopentyl-Coenzyme A'
4 water water
#
_entity_poly.entity_id   1
_entity_poly.type   'polypeptide(L)'
_entity_poly.pdbx_seq_one_letter_code
;GAMIHAISAVNRHLYEDVLEQHFRLRHDIFVEERHWETLRRPDGREVDSYDDEDTVYLLALEGRRVVGGHRLYPTTKPSM
MSEVFPHLAAVRGCPSDPLIWEWSRYFVVRDRRDGALNLQLMAAVQEFCLDQGIAQVSAIMETWWLPRFHEAGFVVTPLG
LPALVENAWTMAATVDIRRQTLDVLHDRIGMPSIVQQDGPRLDAVARANLCGLAAAQRKSA
;
_entity_poly.pdbx_strand_id   A
#
# COMPACT_ATOMS: atom_id res chain seq x y z
N GLY A 1 4.41 0.83 -21.67
CA GLY A 1 5.50 1.48 -20.90
C GLY A 1 5.71 0.83 -19.54
N ALA A 2 6.22 1.62 -18.59
CA ALA A 2 6.49 1.14 -17.22
C ALA A 2 5.19 0.85 -16.47
N MET A 3 5.17 -0.26 -15.74
CA MET A 3 3.97 -0.73 -15.05
C MET A 3 4.22 -0.94 -13.55
N ILE A 4 3.12 -1.05 -12.80
CA ILE A 4 3.16 -1.47 -11.39
C ILE A 4 2.94 -2.98 -11.37
N HIS A 5 3.82 -3.70 -10.70
CA HIS A 5 3.73 -5.17 -10.64
C HIS A 5 3.17 -5.65 -9.32
N ALA A 6 2.17 -6.53 -9.39
CA ALA A 6 1.60 -7.15 -8.20
C ALA A 6 2.40 -8.40 -7.83
N ILE A 7 3.07 -8.35 -6.68
CA ILE A 7 3.98 -9.40 -6.23
C ILE A 7 3.46 -10.00 -4.92
N SER A 8 3.25 -11.32 -4.94
CA SER A 8 2.75 -12.06 -3.78
C SER A 8 3.45 -13.41 -3.64
N ALA A 9 2.99 -14.22 -2.68
CA ALA A 9 3.53 -15.56 -2.47
C ALA A 9 3.52 -16.40 -3.75
N VAL A 10 2.47 -16.28 -4.55
CA VAL A 10 2.29 -17.14 -5.73
C VAL A 10 3.23 -16.82 -6.91
N ASN A 11 3.81 -15.62 -6.92
CA ASN A 11 4.68 -15.24 -8.04
C ASN A 11 6.01 -14.59 -7.65
N ARG A 12 6.33 -14.58 -6.36
CA ARG A 12 7.54 -13.90 -5.88
C ARG A 12 8.84 -14.56 -6.36
N HIS A 13 8.76 -15.82 -6.75
CA HIS A 13 9.89 -16.51 -7.39
C HIS A 13 10.37 -15.79 -8.66
N LEU A 14 9.51 -14.97 -9.25
CA LEU A 14 9.87 -14.15 -10.41
C LEU A 14 10.39 -12.76 -10.03
N TYR A 15 10.41 -12.46 -8.73
CA TYR A 15 10.72 -11.09 -8.29
C TYR A 15 11.62 -11.00 -7.06
N GLU A 16 12.36 -12.07 -6.75
CA GLU A 16 13.20 -12.07 -5.53
C GLU A 16 14.24 -10.95 -5.54
N ASP A 17 14.81 -10.67 -6.72
CA ASP A 17 15.73 -9.55 -6.92
C ASP A 17 15.09 -8.19 -6.60
N VAL A 18 13.89 -8.00 -7.15
CA VAL A 18 13.16 -6.75 -7.02
C VAL A 18 12.69 -6.54 -5.57
N LEU A 19 12.25 -7.62 -4.92
CA LEU A 19 11.79 -7.54 -3.54
C LEU A 19 12.90 -7.07 -2.60
N GLU A 20 14.08 -7.67 -2.71
CA GLU A 20 15.24 -7.26 -1.90
C GLU A 20 15.62 -5.80 -2.14
N GLN A 21 15.60 -5.39 -3.41
CA GLN A 21 15.87 -4.01 -3.77
C GLN A 21 14.90 -3.05 -3.06
N HIS A 22 13.62 -3.41 -3.01
CA HIS A 22 12.61 -2.54 -2.40
C HIS A 22 12.73 -2.46 -0.87
N PHE A 23 13.16 -3.55 -0.23
CA PHE A 23 13.41 -3.52 1.21
C PHE A 23 14.52 -2.54 1.57
N ARG A 24 15.55 -2.49 0.74
CA ARG A 24 16.66 -1.56 0.96
C ARG A 24 16.24 -0.11 0.67
N LEU A 25 15.45 0.09 -0.38
CA LEU A 25 14.91 1.42 -0.69
C LEU A 25 13.99 1.91 0.43
N ARG A 26 13.18 1.01 1.00
CA ARG A 26 12.35 1.34 2.15
C ARG A 26 13.18 1.81 3.34
N HIS A 27 14.39 1.24 3.50
CA HIS A 27 15.29 1.66 4.56
C HIS A 27 15.86 3.05 4.28
N ASP A 28 16.27 3.29 3.03
CA ASP A 28 16.75 4.61 2.62
C ASP A 28 15.70 5.70 2.83
N ILE A 29 14.45 5.36 2.49
CA ILE A 29 13.38 6.35 2.49
C ILE A 29 12.71 6.50 3.86
N PHE A 30 12.25 5.40 4.45
CA PHE A 30 11.52 5.52 5.72
C PHE A 30 12.42 5.71 6.94
N VAL A 31 13.61 5.12 6.92
CA VAL A 31 14.55 5.31 8.02
C VAL A 31 15.42 6.55 7.81
N GLU A 32 16.17 6.59 6.71
CA GLU A 32 17.13 7.70 6.50
C GLU A 32 16.47 9.03 6.14
N GLU A 33 15.41 8.99 5.34
CA GLU A 33 14.73 10.24 4.96
C GLU A 33 13.65 10.67 5.96
N ARG A 34 12.70 9.78 6.26
CA ARG A 34 11.60 10.14 7.16
C ARG A 34 11.99 10.09 8.64
N HIS A 35 13.16 9.51 8.92
CA HIS A 35 13.64 9.36 10.30
C HIS A 35 12.70 8.57 11.19
N TRP A 36 12.09 7.51 10.63
CA TRP A 36 11.27 6.62 11.45
C TRP A 36 12.22 5.61 12.11
N GLU A 37 12.89 6.08 13.16
CA GLU A 37 13.99 5.34 13.80
C GLU A 37 13.62 3.98 14.36
N THR A 38 12.35 3.78 14.72
CA THR A 38 11.93 2.48 15.24
C THR A 38 12.04 1.36 14.20
N LEU A 39 12.16 1.74 12.93
CA LEU A 39 12.27 0.77 11.83
C LEU A 39 13.72 0.52 11.39
N ARG A 40 14.67 1.20 12.03
CA ARG A 40 16.09 1.01 11.66
C ARG A 40 16.54 -0.42 11.95
N ARG A 41 17.25 -1.01 10.99
CA ARG A 41 17.78 -2.37 11.13
C ARG A 41 19.21 -2.41 10.62
N PRO A 42 20.08 -3.21 11.28
CA PRO A 42 21.51 -3.21 10.93
C PRO A 42 21.83 -3.90 9.59
N ASP A 43 20.87 -4.67 9.05
CA ASP A 43 21.05 -5.27 7.73
C ASP A 43 20.72 -4.29 6.58
N GLY A 44 20.25 -3.10 6.93
CA GLY A 44 19.88 -2.10 5.91
C GLY A 44 18.64 -2.46 5.12
N ARG A 45 17.86 -3.40 5.65
CA ARG A 45 16.61 -3.81 5.03
C ARG A 45 15.48 -3.41 5.98
N GLU A 46 14.50 -2.68 5.44
CA GLU A 46 13.37 -2.22 6.25
C GLU A 46 12.24 -3.24 6.14
N VAL A 47 12.16 -4.13 7.12
CA VAL A 47 11.26 -5.27 7.10
C VAL A 47 10.59 -5.32 8.47
N ASP A 48 9.25 -5.43 8.50
CA ASP A 48 8.53 -5.51 9.78
C ASP A 48 7.68 -6.78 9.86
N SER A 49 6.87 -6.92 10.91
CA SER A 49 6.10 -8.14 11.10
C SER A 49 4.92 -8.30 10.12
N TYR A 50 4.72 -7.30 9.26
CA TYR A 50 3.68 -7.36 8.23
C TYR A 50 4.28 -7.61 6.85
N ASP A 51 5.57 -7.96 6.85
CA ASP A 51 6.23 -8.51 5.66
C ASP A 51 6.37 -10.03 5.86
N ASP A 52 5.36 -10.77 5.41
CA ASP A 52 5.37 -12.23 5.54
C ASP A 52 4.81 -12.88 4.26
N GLU A 53 4.36 -14.13 4.39
N GLU A 53 4.37 -14.14 4.36
CA GLU A 53 3.86 -14.92 3.27
CA GLU A 53 3.89 -14.84 3.17
C GLU A 53 2.55 -14.38 2.68
C GLU A 53 2.58 -14.29 2.61
N ASP A 54 1.86 -13.52 3.42
CA ASP A 54 0.53 -13.02 3.03
C ASP A 54 0.52 -11.57 2.51
N THR A 55 1.68 -10.91 2.57
CA THR A 55 1.82 -9.55 2.09
C THR A 55 1.78 -9.51 0.56
N VAL A 56 1.11 -8.50 0.02
CA VAL A 56 1.13 -8.22 -1.41
C VAL A 56 1.86 -6.91 -1.64
N TYR A 57 2.79 -6.90 -2.58
CA TYR A 57 3.56 -5.72 -2.91
C TYR A 57 3.16 -5.23 -4.29
N LEU A 58 2.90 -3.93 -4.39
CA LEU A 58 2.61 -3.29 -5.68
C LEU A 58 3.75 -2.34 -5.98
N LEU A 59 4.69 -2.81 -6.81
CA LEU A 59 5.94 -2.10 -7.02
C LEU A 59 6.04 -1.56 -8.44
N ALA A 60 6.38 -0.27 -8.54
CA ALA A 60 6.60 0.40 -9.81
C ALA A 60 7.98 0.03 -10.34
N LEU A 61 8.01 -0.60 -11.51
CA LEU A 61 9.27 -1.06 -12.10
C LEU A 61 9.58 -0.33 -13.42
N GLU A 62 10.85 0.06 -13.56
CA GLU A 62 11.39 0.51 -14.84
C GLU A 62 12.50 -0.46 -15.20
N GLY A 63 12.17 -1.41 -16.07
CA GLY A 63 13.02 -2.57 -16.28
C GLY A 63 12.96 -3.41 -15.01
N ARG A 64 14.10 -3.49 -14.32
CA ARG A 64 14.15 -4.17 -13.04
C ARG A 64 14.42 -3.19 -11.89
N ARG A 65 14.42 -1.88 -12.21
CA ARG A 65 14.59 -0.85 -11.20
C ARG A 65 13.27 -0.50 -10.52
N VAL A 66 13.24 -0.63 -9.19
CA VAL A 66 12.08 -0.23 -8.37
C VAL A 66 12.10 1.29 -8.23
N VAL A 67 11.05 1.97 -8.72
CA VAL A 67 10.98 3.43 -8.65
C VAL A 67 9.90 3.96 -7.70
N GLY A 68 9.08 3.05 -7.21
CA GLY A 68 8.01 3.40 -6.27
C GLY A 68 7.25 2.17 -5.87
N GLY A 69 6.33 2.33 -4.92
CA GLY A 69 5.49 1.20 -4.51
C GLY A 69 4.70 1.42 -3.24
N HIS A 70 3.94 0.39 -2.87
CA HIS A 70 3.23 0.30 -1.61
C HIS A 70 2.88 -1.16 -1.37
N ARG A 71 2.33 -1.47 -0.20
CA ARG A 71 2.02 -2.87 0.12
C ARG A 71 0.63 -3.02 0.74
N LEU A 72 0.09 -4.23 0.62
CA LEU A 72 -1.22 -4.57 1.18
C LEU A 72 -1.10 -5.80 2.07
N TYR A 73 -1.85 -5.81 3.17
CA TYR A 73 -1.79 -6.89 4.16
C TYR A 73 -3.20 -7.22 4.63
N PRO A 74 -3.52 -8.52 4.78
CA PRO A 74 -4.91 -8.86 5.15
C PRO A 74 -5.25 -8.47 6.59
N THR A 75 -6.42 -7.86 6.79
CA THR A 75 -6.85 -7.48 8.14
C THR A 75 -7.44 -8.66 8.94
N THR A 76 -7.52 -9.84 8.33
CA THR A 76 -7.91 -11.06 9.05
C THR A 76 -6.77 -11.63 9.89
N LYS A 77 -5.55 -11.13 9.65
CA LYS A 77 -4.40 -11.39 10.51
C LYS A 77 -4.19 -10.18 11.44
N PRO A 78 -3.46 -10.37 12.55
CA PRO A 78 -3.10 -9.19 13.34
C PRO A 78 -2.40 -8.14 12.46
N SER A 79 -2.83 -6.89 12.56
CA SER A 79 -2.40 -5.85 11.63
C SER A 79 -1.69 -4.72 12.36
N MET A 80 -1.09 -3.80 11.61
CA MET A 80 -0.46 -2.63 12.22
C MET A 80 -1.50 -1.85 13.03
N MET A 81 -2.71 -1.71 12.49
CA MET A 81 -3.75 -0.98 13.20
C MET A 81 -4.21 -1.71 14.47
N SER A 82 -4.47 -3.01 14.37
CA SER A 82 -4.92 -3.78 15.54
C SER A 82 -3.84 -3.93 16.61
N GLU A 83 -2.59 -4.09 16.19
CA GLU A 83 -1.50 -4.33 17.15
C GLU A 83 -0.81 -3.07 17.65
N VAL A 84 -0.54 -2.13 16.75
CA VAL A 84 0.29 -0.97 17.09
C VAL A 84 -0.52 0.29 17.35
N PHE A 85 -1.55 0.54 16.53
CA PHE A 85 -2.31 1.78 16.62
C PHE A 85 -3.82 1.63 16.87
N PRO A 86 -4.25 0.72 17.78
CA PRO A 86 -5.70 0.49 17.90
C PRO A 86 -6.44 1.71 18.46
N HIS A 87 -5.74 2.54 19.23
CA HIS A 87 -6.30 3.76 19.80
C HIS A 87 -6.73 4.77 18.72
N LEU A 88 -6.13 4.66 17.53
CA LEU A 88 -6.49 5.54 16.40
C LEU A 88 -7.81 5.13 15.75
N ALA A 89 -8.31 3.94 16.07
CA ALA A 89 -9.56 3.45 15.48
C ALA A 89 -10.59 3.16 16.56
N ALA A 90 -10.49 3.84 17.69
CA ALA A 90 -11.34 3.58 18.84
C ALA A 90 -12.81 3.92 18.61
N VAL A 91 -13.07 4.90 17.73
CA VAL A 91 -14.46 5.30 17.43
C VAL A 91 -15.20 4.24 16.62
N ARG A 92 -14.63 3.83 15.49
CA ARG A 92 -15.32 2.90 14.59
C ARG A 92 -14.86 1.45 14.74
N GLY A 93 -13.67 1.23 15.30
CA GLY A 93 -13.09 -0.11 15.44
C GLY A 93 -12.09 -0.44 14.36
N CYS A 94 -11.09 -1.26 14.69
CA CYS A 94 -10.10 -1.74 13.71
C CYS A 94 -10.75 -2.72 12.74
N PRO A 95 -10.49 -2.55 11.42
CA PRO A 95 -11.03 -3.48 10.43
C PRO A 95 -10.51 -4.91 10.61
N SER A 96 -11.39 -5.88 10.36
CA SER A 96 -11.02 -7.29 10.37
C SER A 96 -11.97 -8.02 9.42
N ASP A 97 -11.54 -8.16 8.17
CA ASP A 97 -12.44 -8.61 7.11
C ASP A 97 -11.63 -9.04 5.89
N PRO A 98 -11.97 -10.19 5.28
CA PRO A 98 -11.26 -10.64 4.07
C PRO A 98 -11.32 -9.59 2.97
N LEU A 99 -12.34 -8.73 3.01
CA LEU A 99 -12.54 -7.71 1.97
C LEU A 99 -11.95 -6.35 2.32
N ILE A 100 -11.22 -6.29 3.43
CA ILE A 100 -10.48 -5.06 3.80
C ILE A 100 -9.01 -5.40 3.99
N TRP A 101 -8.15 -4.72 3.25
CA TRP A 101 -6.71 -4.93 3.36
C TRP A 101 -5.99 -3.67 3.82
N GLU A 102 -4.96 -3.86 4.64
CA GLU A 102 -4.22 -2.75 5.21
C GLU A 102 -3.15 -2.27 4.22
N TRP A 103 -3.12 -0.94 4.00
CA TRP A 103 -2.31 -0.32 2.95
C TRP A 103 -1.23 0.57 3.58
N SER A 104 0.03 0.34 3.22
CA SER A 104 1.14 1.02 3.89
C SER A 104 2.40 1.14 3.02
N ARG A 105 3.38 1.87 3.55
CA ARG A 105 4.72 2.01 2.94
C ARG A 105 4.70 2.52 1.49
N TYR A 106 3.97 3.61 1.28
CA TYR A 106 3.85 4.24 -0.03
C TYR A 106 5.09 5.11 -0.24
N PHE A 107 5.78 4.88 -1.36
CA PHE A 107 6.99 5.66 -1.66
C PHE A 107 7.18 5.89 -3.16
N VAL A 108 7.85 6.98 -3.49
CA VAL A 108 8.35 7.26 -4.83
C VAL A 108 9.81 7.67 -4.64
N VAL A 109 10.73 7.04 -5.36
CA VAL A 109 12.14 7.45 -5.28
C VAL A 109 12.28 8.91 -5.73
N ARG A 110 13.26 9.61 -5.18
CA ARG A 110 13.45 11.05 -5.46
C ARG A 110 13.43 11.41 -6.95
N ASP A 111 14.09 10.59 -7.77
CA ASP A 111 14.17 10.80 -9.22
C ASP A 111 12.82 10.86 -9.93
N ARG A 112 11.78 10.29 -9.32
CA ARG A 112 10.47 10.20 -9.96
C ARG A 112 9.38 10.98 -9.23
N ARG A 113 9.74 11.77 -8.24
CA ARG A 113 8.75 12.58 -7.52
C ARG A 113 8.26 13.75 -8.35
N ASP A 114 7.06 14.24 -8.03
CA ASP A 114 6.44 15.38 -8.71
C ASP A 114 6.32 15.13 -10.23
N GLY A 115 5.98 13.89 -10.59
CA GLY A 115 5.80 13.50 -11.98
C GLY A 115 4.55 12.66 -12.17
N ALA A 116 4.59 11.77 -13.15
CA ALA A 116 3.43 10.93 -13.50
C ALA A 116 3.26 9.73 -12.57
N LEU A 117 4.34 9.30 -11.93
CA LEU A 117 4.30 8.06 -11.14
C LEU A 117 3.31 8.10 -9.98
N ASN A 118 3.25 9.21 -9.24
CA ASN A 118 2.37 9.27 -8.08
C ASN A 118 0.92 8.88 -8.35
N LEU A 119 0.32 9.51 -9.37
CA LEU A 119 -1.07 9.23 -9.68
C LEU A 119 -1.26 7.79 -10.19
N GLN A 120 -0.24 7.25 -10.84
CA GLN A 120 -0.24 5.85 -11.25
C GLN A 120 -0.28 4.91 -10.04
N LEU A 121 0.45 5.25 -8.99
CA LEU A 121 0.42 4.47 -7.75
C LEU A 121 -0.95 4.56 -7.05
N MET A 122 -1.58 5.73 -7.13
CA MET A 122 -2.93 5.91 -6.60
C MET A 122 -3.92 5.03 -7.38
N ALA A 123 -3.78 5.02 -8.70
CA ALA A 123 -4.61 4.17 -9.54
C ALA A 123 -4.39 2.68 -9.28
N ALA A 124 -3.14 2.30 -9.02
CA ALA A 124 -2.76 0.91 -8.85
C ALA A 124 -3.47 0.19 -7.70
N VAL A 125 -3.61 0.86 -6.54
CA VAL A 125 -4.31 0.23 -5.41
C VAL A 125 -5.78 -0.02 -5.74
N GLN A 126 -6.40 0.94 -6.43
CA GLN A 126 -7.79 0.82 -6.85
C GLN A 126 -7.96 -0.32 -7.86
N GLU A 127 -7.05 -0.39 -8.84
CA GLU A 127 -7.14 -1.39 -9.91
C GLU A 127 -6.94 -2.81 -9.38
N PHE A 128 -5.89 -3.01 -8.59
CA PHE A 128 -5.63 -4.31 -7.99
C PHE A 128 -6.79 -4.76 -7.11
N CYS A 129 -7.25 -3.89 -6.22
CA CYS A 129 -8.35 -4.26 -5.30
C CYS A 129 -9.65 -4.57 -6.03
N LEU A 130 -10.00 -3.74 -7.01
CA LEU A 130 -11.21 -4.00 -7.81
C LEU A 130 -11.12 -5.37 -8.50
N ASP A 131 -9.97 -5.66 -9.11
CA ASP A 131 -9.73 -6.96 -9.74
C ASP A 131 -9.90 -8.11 -8.76
N GLN A 132 -9.46 -7.92 -7.52
CA GLN A 132 -9.50 -8.98 -6.52
C GLN A 132 -10.82 -9.05 -5.75
N GLY A 133 -11.69 -8.07 -5.97
CA GLY A 133 -12.95 -7.98 -5.24
C GLY A 133 -12.77 -7.47 -3.81
N ILE A 134 -11.64 -6.82 -3.54
CA ILE A 134 -11.43 -6.17 -2.23
C ILE A 134 -12.25 -4.88 -2.18
N ALA A 135 -13.05 -4.71 -1.12
CA ALA A 135 -13.99 -3.59 -1.03
C ALA A 135 -13.39 -2.28 -0.48
N GLN A 136 -12.47 -2.41 0.46
CA GLN A 136 -11.88 -1.26 1.12
C GLN A 136 -10.42 -1.52 1.44
N VAL A 137 -9.63 -0.47 1.54
CA VAL A 137 -8.32 -0.59 2.19
C VAL A 137 -8.31 0.29 3.44
N SER A 138 -7.51 -0.10 4.41
CA SER A 138 -7.35 0.67 5.63
C SER A 138 -5.92 1.17 5.73
N ALA A 139 -5.72 2.34 6.35
CA ALA A 139 -4.40 2.94 6.44
C ALA A 139 -4.24 3.76 7.72
N ILE A 140 -3.01 3.80 8.22
CA ILE A 140 -2.62 4.77 9.22
C ILE A 140 -1.74 5.77 8.50
N MET A 141 -2.12 7.04 8.51
CA MET A 141 -1.33 8.03 7.82
C MET A 141 -1.36 9.42 8.44
N GLU A 142 -0.34 10.19 8.11
CA GLU A 142 -0.27 11.59 8.52
C GLU A 142 -1.35 12.38 7.80
N THR A 143 -1.83 13.42 8.48
CA THR A 143 -3.01 14.15 8.02
C THR A 143 -2.82 14.91 6.70
N TRP A 144 -1.56 15.13 6.30
CA TRP A 144 -1.29 15.72 4.97
C TRP A 144 -1.75 14.84 3.80
N TRP A 145 -2.04 13.57 4.08
CA TRP A 145 -2.60 12.66 3.06
C TRP A 145 -4.05 12.95 2.66
N LEU A 146 -4.80 13.63 3.53
CA LEU A 146 -6.23 13.91 3.24
C LEU A 146 -6.48 14.66 1.92
N PRO A 147 -5.79 15.81 1.70
CA PRO A 147 -5.99 16.46 0.39
C PRO A 147 -5.49 15.63 -0.80
N ARG A 148 -4.45 14.83 -0.60
CA ARG A 148 -3.97 13.92 -1.66
C ARG A 148 -5.02 12.86 -2.02
N PHE A 149 -5.64 12.24 -1.02
CA PHE A 149 -6.76 11.31 -1.26
C PHE A 149 -7.91 12.01 -2.00
N HIS A 150 -8.30 13.18 -1.50
CA HIS A 150 -9.41 13.92 -2.10
C HIS A 150 -9.12 14.32 -3.55
N GLU A 151 -7.89 14.73 -3.84
CA GLU A 151 -7.46 15.10 -5.19
C GLU A 151 -7.56 13.92 -6.17
N ALA A 152 -7.34 12.71 -5.67
CA ALA A 152 -7.43 11.50 -6.49
C ALA A 152 -8.85 10.92 -6.53
N GLY A 153 -9.80 11.60 -5.88
CA GLY A 153 -11.19 11.14 -5.81
C GLY A 153 -11.44 9.98 -4.88
N PHE A 154 -10.50 9.71 -3.96
CA PHE A 154 -10.66 8.63 -2.98
C PHE A 154 -11.75 8.96 -1.97
N VAL A 155 -12.64 8.00 -1.72
CA VAL A 155 -13.69 8.16 -0.72
C VAL A 155 -13.13 7.66 0.61
N VAL A 156 -13.01 8.58 1.58
CA VAL A 156 -12.30 8.31 2.84
C VAL A 156 -13.27 8.30 4.03
N THR A 157 -13.16 7.26 4.87
CA THR A 157 -13.92 7.16 6.11
C THR A 157 -12.97 7.11 7.31
N PRO A 158 -12.87 8.22 8.06
CA PRO A 158 -12.07 8.23 9.29
C PRO A 158 -12.58 7.21 10.31
N LEU A 159 -11.65 6.54 11.00
CA LEU A 159 -12.03 5.51 11.97
C LEU A 159 -11.91 5.97 13.42
N GLY A 160 -11.28 7.12 13.63
CA GLY A 160 -11.09 7.62 14.99
C GLY A 160 -10.59 9.04 15.03
N LEU A 161 -10.21 9.48 16.22
CA LEU A 161 -9.66 10.82 16.39
C LEU A 161 -8.22 10.86 15.87
N PRO A 162 -7.85 11.95 15.18
CA PRO A 162 -6.44 12.16 14.88
C PRO A 162 -5.66 12.29 16.19
N ALA A 163 -4.38 11.93 16.15
CA ALA A 163 -3.53 11.99 17.33
C ALA A 163 -2.07 12.15 16.93
N LEU A 164 -1.28 12.73 17.83
CA LEU A 164 0.16 12.80 17.63
C LEU A 164 0.77 11.41 17.76
N VAL A 165 1.51 11.00 16.73
CA VAL A 165 2.29 9.77 16.76
C VAL A 165 3.73 10.20 16.50
N GLU A 166 4.61 9.95 17.46
CA GLU A 166 6.01 10.38 17.37
C GLU A 166 6.10 11.78 16.77
N ASN A 167 5.39 12.74 17.36
CA ASN A 167 5.48 14.15 17.02
C ASN A 167 4.82 14.59 15.70
N ALA A 168 4.03 13.71 15.08
CA ALA A 168 3.35 14.03 13.83
C ALA A 168 1.87 13.67 13.91
N TRP A 169 1.01 14.57 13.44
CA TRP A 169 -0.43 14.35 13.43
C TRP A 169 -0.82 13.22 12.48
N THR A 170 -1.47 12.20 13.05
CA THR A 170 -1.68 10.93 12.39
C THR A 170 -3.12 10.47 12.64
N MET A 171 -3.68 9.72 11.70
CA MET A 171 -5.05 9.23 11.80
C MET A 171 -5.21 7.89 11.11
N ALA A 172 -6.27 7.18 11.46
CA ALA A 172 -6.60 5.91 10.81
C ALA A 172 -7.89 6.08 10.01
N ALA A 173 -7.93 5.49 8.81
CA ALA A 173 -9.08 5.62 7.94
C ALA A 173 -9.21 4.42 7.01
N THR A 174 -10.41 4.20 6.49
CA THR A 174 -10.56 3.35 5.32
C THR A 174 -10.74 4.18 4.05
N VAL A 175 -10.38 3.55 2.93
CA VAL A 175 -10.63 4.09 1.61
C VAL A 175 -11.54 3.11 0.88
N ASP A 176 -12.63 3.62 0.31
CA ASP A 176 -13.55 2.82 -0.49
C ASP A 176 -12.94 2.54 -1.87
N ILE A 177 -12.88 1.27 -2.24
CA ILE A 177 -12.47 0.89 -3.58
C ILE A 177 -13.67 1.07 -4.51
N ARG A 178 -13.51 1.87 -5.55
CA ARG A 178 -14.63 2.23 -6.45
C ARG A 178 -14.24 2.17 -7.91
N ARG A 179 -15.04 1.47 -8.70
CA ARG A 179 -14.90 1.46 -10.16
C ARG A 179 -14.89 2.89 -10.73
N GLN A 180 -15.78 3.74 -10.21
CA GLN A 180 -15.88 5.14 -10.63
C GLN A 180 -14.58 5.91 -10.37
N THR A 181 -14.03 5.76 -9.16
CA THR A 181 -12.73 6.36 -8.82
C THR A 181 -11.64 5.91 -9.79
N LEU A 182 -11.58 4.60 -10.05
CA LEU A 182 -10.60 4.03 -10.97
C LEU A 182 -10.76 4.52 -12.41
N ASP A 183 -12.01 4.59 -12.89
N ASP A 183 -12.01 4.59 -12.89
CA ASP A 183 -12.31 5.03 -14.25
CA ASP A 183 -12.31 5.04 -14.24
C ASP A 183 -11.78 6.44 -14.53
C ASP A 183 -11.74 6.43 -14.50
N VAL A 184 -12.01 7.35 -13.58
CA VAL A 184 -11.50 8.72 -13.67
C VAL A 184 -9.96 8.74 -13.65
N LEU A 185 -9.35 7.92 -12.78
CA LEU A 185 -7.89 7.86 -12.70
C LEU A 185 -7.26 7.27 -13.96
N HIS A 186 -7.90 6.27 -14.56
CA HIS A 186 -7.43 5.71 -15.84
C HIS A 186 -7.39 6.79 -16.92
N ASP A 187 -8.44 7.61 -16.98
CA ASP A 187 -8.47 8.76 -17.88
C ASP A 187 -7.33 9.73 -17.59
N ARG A 188 -7.13 10.04 -16.31
CA ARG A 188 -6.10 11.01 -15.92
C ARG A 188 -4.67 10.54 -16.17
N ILE A 189 -4.40 9.25 -15.94
CA ILE A 189 -3.06 8.70 -16.21
C ILE A 189 -2.88 8.34 -17.69
N GLY A 190 -3.98 8.37 -18.45
CA GLY A 190 -3.95 8.08 -19.89
C GLY A 190 -3.57 6.66 -20.23
N MET A 191 -4.00 5.72 -19.38
CA MET A 191 -3.73 4.30 -19.55
C MET A 191 -4.93 3.48 -19.07
N PRO A 192 -5.34 2.45 -19.86
CA PRO A 192 -6.47 1.62 -19.46
C PRO A 192 -6.15 0.62 -18.35
N SER A 193 -4.86 0.36 -18.13
CA SER A 193 -4.40 -0.59 -17.12
C SER A 193 -3.00 -0.22 -16.62
N ILE A 194 -2.82 -0.24 -15.29
CA ILE A 194 -1.53 0.12 -14.70
C ILE A 194 -0.89 -1.03 -13.90
N VAL A 195 -1.68 -2.05 -13.58
CA VAL A 195 -1.20 -3.20 -12.81
C VAL A 195 -0.87 -4.42 -13.69
N GLN A 196 0.37 -4.85 -13.65
CA GLN A 196 0.82 -6.07 -14.33
C GLN A 196 0.90 -7.23 -13.34
N GLN A 197 0.29 -8.36 -13.70
CA GLN A 197 0.30 -9.56 -12.84
C GLN A 197 0.90 -10.78 -13.56
N ASP A 198 2.22 -10.93 -13.45
CA ASP A 198 2.96 -12.06 -14.04
C ASP A 198 2.89 -13.32 -13.17
N GLY A 199 3.09 -14.48 -13.80
CA GLY A 199 3.09 -15.76 -13.10
C GLY A 199 1.69 -16.23 -12.74
N PRO A 200 1.59 -17.19 -11.80
CA PRO A 200 0.30 -17.75 -11.37
C PRO A 200 -0.68 -16.70 -10.83
N ARG A 201 -1.98 -16.98 -10.99
CA ARG A 201 -3.05 -16.10 -10.52
C ARG A 201 -3.14 -16.06 -9.00
N LEU A 202 -3.27 -14.86 -8.44
CA LEU A 202 -3.45 -14.69 -7.00
C LEU A 202 -4.93 -14.54 -6.65
N ASP A 203 -5.40 -15.35 -5.70
CA ASP A 203 -6.73 -15.18 -5.15
C ASP A 203 -6.63 -14.61 -3.73
N ALA A 204 -6.46 -13.30 -3.65
CA ALA A 204 -6.20 -12.60 -2.39
C ALA A 204 -7.30 -12.82 -1.34
N VAL A 205 -8.56 -12.70 -1.75
CA VAL A 205 -9.69 -12.83 -0.83
C VAL A 205 -9.78 -14.25 -0.23
N ALA A 206 -9.51 -15.26 -1.05
CA ALA A 206 -9.45 -16.65 -0.57
C ALA A 206 -8.34 -16.82 0.47
N ARG A 207 -7.15 -16.29 0.18
CA ARG A 207 -6.03 -16.33 1.13
C ARG A 207 -6.36 -15.66 2.47
N ALA A 208 -7.00 -14.50 2.42
CA ALA A 208 -7.42 -13.77 3.64
C ALA A 208 -8.48 -14.54 4.44
N ASN A 209 -9.37 -15.24 3.75
CA ASN A 209 -10.33 -16.11 4.41
C ASN A 209 -9.68 -17.26 5.18
N LEU A 210 -8.64 -17.86 4.60
CA LEU A 210 -7.85 -18.90 5.28
C LEU A 210 -7.26 -18.36 6.58
N CYS A 211 -6.78 -17.12 6.55
CA CYS A 211 -6.31 -16.41 7.74
C CYS A 211 -7.51 -16.01 8.59
#